data_3ALG
#
_entry.id   3ALG
#
_cell.length_a   62.195
_cell.length_b   119.912
_cell.length_c   51.803
_cell.angle_alpha   90.00
_cell.angle_beta   90.00
_cell.angle_gamma   90.00
#
_symmetry.space_group_name_H-M   'P 21 21 2'
#
loop_
_entity.id
_entity.type
_entity.pdbx_description
1 polymer 'Chitinase, class V'
2 branched 2-acetamido-2-deoxy-beta-D-glucopyranose-(1-4)-2-acetamido-2-deoxy-beta-D-glucopyranose-(1-4)-2-acetamido-2-deoxy-beta-D-glucopyranose-(1-4)-2-acetamido-2-deoxy-beta-D-glucopyranose
3 non-polymer 'PHOSPHATE ION'
4 non-polymer 1,2-ETHANEDIOL
5 water water
#
_entity_poly.entity_id   1
_entity_poly.type   'polypeptide(L)'
_entity_poly.pdbx_seq_one_letter_code
;MQNVKGGYWFKDSGLALNNIDSTLFTHLFCAFADLNPQLNQLIISPENQDSFRQFTSTVQRKNPSVKTFLSIAGGRANST
AYGIMARQPNSRKSFIDSSIRLARQLGFHGLDLDWQYPLSAADMTNLGTLLNEWRTAINTEARNSGRAALLLTAAVSNSP
RVNGLNYPVESLARNLDWINLMAYDFYGPNWSPSQTNSHAQLFDPVNHVSGSDGINAWIQAGVPTKKLVLGIPFYGYAWR
LVNANIHGLRAPAAGKSNVGAVDDGSMTYNRIRDYIVESRATTVYNATIVGDYCYSGSNWISYDDTQTVRNKVNYVKGRG
LLGYFAWHVAGDQNWGLSRTASQTWGVSFQEMK
;
_entity_poly.pdbx_strand_id   A
#
# COMPACT_ATOMS: atom_id res chain seq x y z
N GLN A 2 -17.59 -6.44 7.05
CA GLN A 2 -16.29 -7.07 7.46
C GLN A 2 -15.20 -6.01 7.52
N ASN A 3 -14.40 -6.05 8.60
CA ASN A 3 -13.20 -5.23 8.67
C ASN A 3 -12.10 -5.80 7.78
N VAL A 4 -11.14 -4.96 7.43
CA VAL A 4 -10.09 -5.37 6.49
C VAL A 4 -8.77 -5.53 7.22
N LYS A 5 -8.19 -6.72 7.11
CA LYS A 5 -6.82 -6.97 7.53
C LYS A 5 -6.08 -7.35 6.26
N GLY A 6 -5.49 -6.34 5.62
CA GLY A 6 -4.97 -6.50 4.25
C GLY A 6 -3.47 -6.73 4.19
N GLY A 7 -3.04 -7.42 3.15
CA GLY A 7 -1.61 -7.65 2.92
C GLY A 7 -1.30 -7.73 1.44
N TYR A 8 -0.25 -7.01 1.02
CA TYR A 8 0.23 -7.05 -0.35
C TYR A 8 1.39 -8.02 -0.50
N TRP A 9 1.43 -8.69 -1.64
CA TRP A 9 2.52 -9.61 -1.99
C TRP A 9 2.91 -9.40 -3.45
N PHE A 10 4.21 -9.50 -3.73
CA PHE A 10 4.69 -9.55 -5.11
C PHE A 10 5.73 -10.66 -5.25
N LYS A 11 5.82 -11.23 -6.44
CA LYS A 11 6.67 -12.40 -6.70
C LYS A 11 8.13 -12.18 -6.31
N ASP A 12 8.68 -11.03 -6.69
CA ASP A 12 10.11 -10.74 -6.46
C ASP A 12 10.46 -10.43 -5.00
N SER A 13 9.49 -10.58 -4.11
CA SER A 13 9.68 -10.27 -2.68
C SER A 13 10.46 -11.32 -1.90
N GLY A 14 10.68 -12.50 -2.49
CA GLY A 14 11.44 -13.55 -1.82
C GLY A 14 10.67 -14.36 -0.79
N LEU A 15 9.34 -14.24 -0.83
CA LEU A 15 8.47 -15.15 -0.10
C LEU A 15 7.68 -15.99 -1.10
N ALA A 16 7.79 -17.31 -0.98
CA ALA A 16 7.06 -18.20 -1.85
C ALA A 16 5.56 -18.04 -1.60
N LEU A 17 4.80 -18.04 -2.68
CA LEU A 17 3.34 -17.97 -2.62
C LEU A 17 2.76 -18.90 -1.55
N ASN A 18 3.21 -20.16 -1.58
CA ASN A 18 2.73 -21.18 -0.66
C ASN A 18 3.06 -20.92 0.81
N ASN A 19 3.98 -19.99 1.05
CA ASN A 19 4.41 -19.67 2.40
C ASN A 19 3.81 -18.37 2.97
N ILE A 20 2.87 -17.78 2.24
CA ILE A 20 2.09 -16.66 2.78
C ILE A 20 1.14 -17.22 3.83
N ASP A 21 1.25 -16.72 5.06
CA ASP A 21 0.34 -17.13 6.13
C ASP A 21 -0.96 -16.35 6.01
N SER A 22 -1.87 -16.88 5.19
CA SER A 22 -3.13 -16.21 4.90
C SER A 22 -4.11 -16.20 6.09
N THR A 23 -3.77 -16.89 7.17
CA THR A 23 -4.62 -16.90 8.37
C THR A 23 -4.57 -15.56 9.12
N LEU A 24 -3.57 -14.74 8.80
CA LEU A 24 -3.39 -13.45 9.45
C LEU A 24 -4.00 -12.27 8.68
N PHE A 25 -4.75 -12.59 7.63
CA PHE A 25 -5.33 -11.58 6.74
C PHE A 25 -6.77 -11.92 6.33
N THR A 26 -7.53 -10.89 5.99
CA THR A 26 -8.86 -11.07 5.40
C THR A 26 -8.81 -10.90 3.89
N HIS A 27 -7.88 -10.06 3.42
CA HIS A 27 -7.74 -9.74 2.01
C HIS A 27 -6.27 -9.71 1.64
N LEU A 28 -5.92 -10.42 0.57
CA LEU A 28 -4.56 -10.41 0.07
C LEU A 28 -4.51 -9.84 -1.34
N PHE A 29 -3.55 -8.96 -1.56
CA PHE A 29 -3.42 -8.24 -2.82
C PHE A 29 -2.22 -8.76 -3.58
N CYS A 30 -2.48 -9.26 -4.79
CA CYS A 30 -1.45 -9.83 -5.65
C CYS A 30 -0.98 -8.76 -6.63
N ALA A 31 0.28 -8.35 -6.51
CA ALA A 31 0.84 -7.19 -7.22
C ALA A 31 1.99 -7.57 -8.15
N PHE A 32 2.04 -7.07 -9.39
CA PHE A 32 1.03 -6.20 -10.02
C PHE A 32 0.68 -6.74 -11.40
N ALA A 33 -0.60 -6.60 -11.78
CA ALA A 33 -1.01 -6.72 -13.17
C ALA A 33 -0.62 -5.44 -13.92
N ASP A 34 -0.44 -5.55 -15.24
CA ASP A 34 0.08 -4.45 -16.04
C ASP A 34 -0.90 -3.99 -17.11
N LEU A 35 -0.71 -2.77 -17.58
CA LEU A 35 -1.47 -2.27 -18.71
C LEU A 35 -0.72 -2.51 -20.01
N ASN A 36 -1.33 -3.25 -20.92
CA ASN A 36 -0.86 -3.38 -22.29
C ASN A 36 -1.31 -2.13 -23.06
N PRO A 37 -0.36 -1.25 -23.45
CA PRO A 37 -0.73 0.05 -24.02
C PRO A 37 -1.20 -0.03 -25.48
N GLN A 38 -0.86 -1.12 -26.17
CA GLN A 38 -1.36 -1.35 -27.52
C GLN A 38 -2.85 -1.67 -27.46
N LEU A 39 -3.22 -2.60 -26.57
CA LEU A 39 -4.60 -3.08 -26.47
C LEU A 39 -5.46 -2.25 -25.51
N ASN A 40 -4.81 -1.47 -24.64
CA ASN A 40 -5.49 -0.86 -23.51
C ASN A 40 -6.29 -1.91 -22.72
N GLN A 41 -5.62 -3.03 -22.45
CA GLN A 41 -6.18 -4.11 -21.66
C GLN A 41 -5.26 -4.42 -20.48
N LEU A 42 -5.87 -4.93 -19.41
CA LEU A 42 -5.11 -5.42 -18.27
C LEU A 42 -4.54 -6.80 -18.62
N ILE A 43 -3.26 -6.97 -18.35
CA ILE A 43 -2.58 -8.23 -18.62
C ILE A 43 -1.69 -8.63 -17.44
N ILE A 44 -1.18 -9.86 -17.50
CA ILE A 44 -0.23 -10.34 -16.51
C ILE A 44 1.03 -10.72 -17.28
N SER A 45 2.18 -10.24 -16.81
CA SER A 45 3.46 -10.46 -17.49
C SER A 45 3.83 -11.94 -17.51
N PRO A 46 4.65 -12.36 -18.49
CA PRO A 46 5.12 -13.76 -18.51
C PRO A 46 5.75 -14.20 -17.19
N GLU A 47 6.52 -13.32 -16.55
CA GLU A 47 7.19 -13.64 -15.29
C GLU A 47 6.20 -13.86 -14.14
N ASN A 48 5.09 -13.14 -14.17
CA ASN A 48 4.06 -13.24 -13.13
C ASN A 48 3.00 -14.31 -13.38
N GLN A 49 2.92 -14.81 -14.61
CA GLN A 49 1.83 -15.69 -15.03
C GLN A 49 1.61 -16.92 -14.14
N ASP A 50 2.67 -17.69 -13.92
CA ASP A 50 2.56 -18.93 -13.16
C ASP A 50 2.07 -18.73 -11.71
N SER A 51 2.61 -17.72 -11.03
CA SER A 51 2.21 -17.46 -9.64
C SER A 51 0.83 -16.80 -9.54
N PHE A 52 0.54 -15.84 -10.42
CA PHE A 52 -0.75 -15.14 -10.38
C PHE A 52 -1.93 -16.07 -10.63
N ARG A 53 -1.75 -17.03 -11.55
CA ARG A 53 -2.78 -18.02 -11.83
C ARG A 53 -3.08 -18.92 -10.63
N GLN A 54 -2.08 -19.17 -9.80
CA GLN A 54 -2.26 -20.03 -8.64
C GLN A 54 -2.47 -19.26 -7.34
N PHE A 55 -2.39 -17.93 -7.41
CA PHE A 55 -2.41 -17.10 -6.19
C PHE A 55 -3.60 -17.42 -5.29
N THR A 56 -4.80 -17.33 -5.85
CA THR A 56 -6.03 -17.46 -5.05
C THR A 56 -6.18 -18.86 -4.47
N SER A 57 -6.11 -19.89 -5.31
CA SER A 57 -6.26 -21.26 -4.84
C SER A 57 -5.20 -21.63 -3.79
N THR A 58 -3.97 -21.15 -3.98
CA THR A 58 -2.90 -21.46 -3.04
C THR A 58 -3.13 -20.81 -1.67
N VAL A 59 -3.36 -19.49 -1.64
CA VAL A 59 -3.56 -18.82 -0.35
C VAL A 59 -4.82 -19.32 0.37
N GLN A 60 -5.80 -19.78 -0.40
CA GLN A 60 -7.05 -20.30 0.18
C GLN A 60 -6.90 -21.70 0.80
N ARG A 61 -5.79 -22.37 0.51
CA ARG A 61 -5.49 -23.66 1.16
C ARG A 61 -5.26 -23.49 2.66
N LYS A 62 -4.54 -22.43 3.03
CA LYS A 62 -4.26 -22.15 4.44
C LYS A 62 -5.43 -21.44 5.11
N ASN A 63 -6.20 -20.68 4.33
CA ASN A 63 -7.35 -19.97 4.84
C ASN A 63 -8.42 -19.83 3.76
N PRO A 64 -9.41 -20.76 3.76
CA PRO A 64 -10.45 -20.72 2.73
C PRO A 64 -11.29 -19.45 2.72
N SER A 65 -11.27 -18.71 3.83
CA SER A 65 -12.10 -17.51 3.97
C SER A 65 -11.41 -16.24 3.47
N VAL A 66 -10.11 -16.33 3.18
CA VAL A 66 -9.37 -15.17 2.66
C VAL A 66 -9.86 -14.81 1.26
N LYS A 67 -9.95 -13.50 1.00
CA LYS A 67 -10.37 -13.02 -0.31
C LYS A 67 -9.14 -12.38 -0.97
N THR A 68 -9.11 -12.44 -2.30
CA THR A 68 -7.93 -11.98 -3.02
C THR A 68 -8.25 -10.83 -3.98
N PHE A 69 -7.27 -9.95 -4.15
CA PHE A 69 -7.34 -8.86 -5.09
C PHE A 69 -6.22 -9.01 -6.11
N LEU A 70 -6.52 -8.66 -7.35
CA LEU A 70 -5.47 -8.44 -8.34
C LEU A 70 -5.18 -6.94 -8.35
N SER A 71 -3.98 -6.57 -7.93
CA SER A 71 -3.54 -5.18 -7.91
C SER A 71 -2.92 -4.77 -9.24
N ILE A 72 -3.08 -3.49 -9.58
CA ILE A 72 -2.82 -3.00 -10.92
C ILE A 72 -1.87 -1.81 -10.88
N ALA A 73 -0.90 -1.82 -11.80
CA ALA A 73 0.03 -0.70 -12.02
C ALA A 73 1.17 -0.67 -11.01
N GLY A 74 1.04 0.14 -9.97
CA GLY A 74 2.05 0.25 -8.92
C GLY A 74 3.11 1.27 -9.23
N GLY A 75 4.10 1.38 -8.35
CA GLY A 75 5.10 2.45 -8.40
C GLY A 75 6.01 2.47 -9.61
N ARG A 76 6.16 1.33 -10.27
CA ARG A 76 7.07 1.23 -11.42
C ARG A 76 6.37 1.31 -12.77
N ALA A 77 5.05 1.47 -12.76
CA ALA A 77 4.26 1.50 -13.98
C ALA A 77 4.43 2.82 -14.74
N ASN A 78 4.13 2.79 -16.04
CA ASN A 78 4.20 3.99 -16.87
C ASN A 78 2.90 4.76 -16.75
N SER A 79 2.93 5.85 -15.98
CA SER A 79 1.73 6.63 -15.74
C SER A 79 1.08 7.19 -17.01
N THR A 80 1.89 7.55 -18.01
CA THR A 80 1.34 8.08 -19.27
C THR A 80 0.43 7.08 -19.99
N ALA A 81 0.72 5.79 -19.85
CA ALA A 81 -0.10 4.76 -20.49
C ALA A 81 -1.51 4.74 -19.88
N TYR A 82 -1.58 4.94 -18.56
CA TYR A 82 -2.85 5.01 -17.85
C TYR A 82 -3.61 6.29 -18.19
N GLY A 83 -2.87 7.39 -18.33
CA GLY A 83 -3.46 8.65 -18.78
C GLY A 83 -4.10 8.52 -20.14
N ILE A 84 -3.40 7.87 -21.07
CA ILE A 84 -3.92 7.59 -22.42
C ILE A 84 -5.18 6.73 -22.32
N MET A 85 -5.10 5.64 -21.56
CA MET A 85 -6.21 4.72 -21.41
C MET A 85 -7.46 5.43 -20.90
N ALA A 86 -7.28 6.28 -19.88
CA ALA A 86 -8.39 6.94 -19.21
C ALA A 86 -9.03 8.07 -20.04
N ARG A 87 -8.33 8.48 -21.09
CA ARG A 87 -8.69 9.64 -21.91
C ARG A 87 -9.98 9.47 -22.74
N GLN A 88 -10.28 8.24 -23.12
CA GLN A 88 -11.35 7.97 -24.08
C GLN A 88 -12.30 6.86 -23.60
N PRO A 89 -13.60 6.95 -23.96
CA PRO A 89 -14.55 5.89 -23.62
C PRO A 89 -14.13 4.51 -24.12
N ASN A 90 -13.59 4.43 -25.33
CA ASN A 90 -13.28 3.14 -25.92
C ASN A 90 -12.13 2.41 -25.21
N SER A 91 -11.10 3.16 -24.83
CA SER A 91 -9.95 2.59 -24.13
C SER A 91 -10.26 2.31 -22.67
N ARG A 92 -11.12 3.14 -22.05
CA ARG A 92 -11.63 2.83 -20.71
C ARG A 92 -12.40 1.51 -20.74
N LYS A 93 -13.25 1.33 -21.75
CA LYS A 93 -14.08 0.14 -21.84
C LYS A 93 -13.26 -1.13 -21.99
N SER A 94 -12.24 -1.09 -22.85
CA SER A 94 -11.41 -2.27 -23.05
C SER A 94 -10.62 -2.62 -21.79
N PHE A 95 -10.17 -1.59 -21.07
CA PHE A 95 -9.48 -1.79 -19.79
C PHE A 95 -10.43 -2.41 -18.76
N ILE A 96 -11.60 -1.80 -18.60
CA ILE A 96 -12.59 -2.26 -17.63
C ILE A 96 -12.99 -3.71 -17.92
N ASP A 97 -13.36 -3.98 -19.16
CA ASP A 97 -13.82 -5.32 -19.55
C ASP A 97 -12.76 -6.38 -19.34
N SER A 98 -11.53 -6.08 -19.74
CA SER A 98 -10.43 -7.04 -19.58
C SER A 98 -10.10 -7.29 -18.12
N SER A 99 -10.21 -6.26 -17.28
CA SER A 99 -9.90 -6.40 -15.85
C SER A 99 -10.89 -7.34 -15.16
N ILE A 100 -12.18 -7.17 -15.48
CA ILE A 100 -13.24 -8.02 -14.93
C ILE A 100 -13.08 -9.47 -15.40
N ARG A 101 -12.84 -9.67 -16.69
CA ARG A 101 -12.62 -11.01 -17.26
C ARG A 101 -11.44 -11.70 -16.58
N LEU A 102 -10.34 -10.97 -16.40
CA LEU A 102 -9.11 -11.52 -15.85
C LEU A 102 -9.26 -11.89 -14.39
N ALA A 103 -9.92 -11.03 -13.62
CA ALA A 103 -10.21 -11.32 -12.21
C ALA A 103 -11.03 -12.60 -12.09
N ARG A 104 -12.10 -12.71 -12.87
CA ARG A 104 -12.96 -13.90 -12.83
C ARG A 104 -12.20 -15.16 -13.26
N GLN A 105 -11.43 -15.04 -14.35
CA GLN A 105 -10.64 -16.16 -14.88
C GLN A 105 -9.69 -16.75 -13.83
N LEU A 106 -9.07 -15.88 -13.03
CA LEU A 106 -8.03 -16.29 -12.09
C LEU A 106 -8.52 -16.44 -10.65
N GLY A 107 -9.81 -16.20 -10.43
CA GLY A 107 -10.44 -16.43 -9.14
C GLY A 107 -10.33 -15.29 -8.15
N PHE A 108 -9.85 -14.14 -8.61
CA PHE A 108 -9.77 -12.96 -7.76
C PHE A 108 -11.14 -12.41 -7.44
N HIS A 109 -11.34 -12.02 -6.19
CA HIS A 109 -12.61 -11.48 -5.73
C HIS A 109 -12.71 -9.96 -5.91
N GLY A 110 -11.58 -9.35 -6.26
CA GLY A 110 -11.53 -7.90 -6.40
C GLY A 110 -10.40 -7.38 -7.25
N LEU A 111 -10.54 -6.12 -7.67
CA LEU A 111 -9.54 -5.40 -8.44
C LEU A 111 -9.09 -4.19 -7.64
N ASP A 112 -7.79 -3.93 -7.61
CA ASP A 112 -7.22 -2.84 -6.82
C ASP A 112 -6.35 -1.97 -7.72
N LEU A 113 -6.78 -0.74 -7.97
CA LEU A 113 -6.03 0.16 -8.86
C LEU A 113 -4.98 0.94 -8.08
N ASP A 114 -3.72 0.77 -8.46
CA ASP A 114 -2.61 1.46 -7.79
C ASP A 114 -1.89 2.36 -8.78
N TRP A 115 -2.62 3.34 -9.30
CA TRP A 115 -2.10 4.30 -10.26
C TRP A 115 -1.34 5.40 -9.52
N GLN A 116 -0.01 5.37 -9.67
CA GLN A 116 0.88 6.23 -8.89
C GLN A 116 1.81 7.03 -9.80
N TYR A 117 1.38 8.18 -10.31
CA TYR A 117 0.08 8.80 -10.05
C TYR A 117 -0.42 9.45 -11.34
N PRO A 118 -1.73 9.77 -11.42
CA PRO A 118 -2.19 10.60 -12.53
C PRO A 118 -1.34 11.87 -12.61
N LEU A 119 -0.97 12.26 -13.84
CA LEU A 119 0.06 13.27 -14.05
C LEU A 119 -0.47 14.69 -14.18
N SER A 120 -1.77 14.83 -14.42
CA SER A 120 -2.38 16.15 -14.59
C SER A 120 -3.75 16.20 -13.96
N ALA A 121 -4.31 17.40 -13.83
CA ALA A 121 -5.69 17.55 -13.39
C ALA A 121 -6.66 16.82 -14.33
N ALA A 122 -6.39 16.89 -15.63
CA ALA A 122 -7.21 16.19 -16.63
C ALA A 122 -7.21 14.68 -16.38
N ASP A 123 -6.03 14.13 -16.06
CA ASP A 123 -5.90 12.71 -15.75
C ASP A 123 -6.70 12.35 -14.49
N MET A 124 -6.67 13.23 -13.50
CA MET A 124 -7.46 13.03 -12.28
C MET A 124 -8.96 13.01 -12.58
N THR A 125 -9.42 13.97 -13.38
CA THR A 125 -10.82 14.00 -13.83
C THR A 125 -11.19 12.69 -14.56
N ASN A 126 -10.31 12.25 -15.45
CA ASN A 126 -10.53 11.03 -16.22
C ASN A 126 -10.50 9.76 -15.36
N LEU A 127 -9.66 9.76 -14.32
CA LEU A 127 -9.72 8.70 -13.31
C LEU A 127 -11.13 8.61 -12.69
N GLY A 128 -11.71 9.77 -12.37
CA GLY A 128 -13.06 9.84 -11.82
C GLY A 128 -14.09 9.20 -12.72
N THR A 129 -13.99 9.51 -14.01
CA THR A 129 -14.86 8.95 -15.04
C THR A 129 -14.66 7.44 -15.16
N LEU A 130 -13.39 7.02 -15.16
CA LEU A 130 -13.04 5.60 -15.22
C LEU A 130 -13.71 4.82 -14.09
N LEU A 131 -13.59 5.33 -12.86
CA LEU A 131 -14.21 4.66 -11.71
C LEU A 131 -15.73 4.60 -11.79
N ASN A 132 -16.34 5.66 -12.32
CA ASN A 132 -17.79 5.68 -12.57
C ASN A 132 -18.17 4.49 -13.45
N GLU A 133 -17.47 4.36 -14.57
CA GLU A 133 -17.77 3.34 -15.56
C GLU A 133 -17.40 1.94 -15.09
N TRP A 134 -16.29 1.84 -14.36
CA TRP A 134 -15.81 0.58 -13.81
C TRP A 134 -16.84 0.00 -12.84
N ARG A 135 -17.35 0.85 -11.95
CA ARG A 135 -18.37 0.45 -10.98
C ARG A 135 -19.63 -0.06 -11.68
N THR A 136 -20.12 0.71 -12.65
CA THR A 136 -21.29 0.30 -13.43
C THR A 136 -21.08 -1.07 -14.08
N ALA A 137 -19.91 -1.29 -14.67
CA ALA A 137 -19.61 -2.55 -15.34
C ALA A 137 -19.49 -3.72 -14.36
N ILE A 138 -18.91 -3.46 -13.19
CA ILE A 138 -18.83 -4.47 -12.12
C ILE A 138 -20.23 -4.86 -11.63
N ASN A 139 -21.07 -3.86 -11.40
CA ASN A 139 -22.46 -4.10 -10.97
C ASN A 139 -23.25 -4.88 -12.01
N THR A 140 -23.05 -4.54 -13.28
CA THR A 140 -23.71 -5.21 -14.40
C THR A 140 -23.28 -6.68 -14.53
N GLU A 141 -21.98 -6.94 -14.38
CA GLU A 141 -21.46 -8.30 -14.42
C GLU A 141 -22.03 -9.15 -13.27
N ALA A 142 -22.15 -8.54 -12.09
CA ALA A 142 -22.74 -9.23 -10.94
C ALA A 142 -24.19 -9.62 -11.21
N ARG A 143 -24.97 -8.66 -11.72
CA ARG A 143 -26.36 -8.86 -12.08
C ARG A 143 -26.53 -9.95 -13.15
N ASN A 144 -25.70 -9.87 -14.20
CA ASN A 144 -25.79 -10.80 -15.33
C ASN A 144 -25.33 -12.22 -15.02
N SER A 145 -24.37 -12.36 -14.12
CA SER A 145 -23.79 -13.65 -13.78
C SER A 145 -24.47 -14.30 -12.57
N GLY A 146 -25.21 -13.50 -11.81
CA GLY A 146 -25.84 -13.96 -10.57
C GLY A 146 -24.86 -14.08 -9.40
N ARG A 147 -23.63 -13.62 -9.61
CA ARG A 147 -22.57 -13.71 -8.61
C ARG A 147 -22.44 -12.43 -7.80
N ALA A 148 -21.86 -12.54 -6.61
CA ALA A 148 -21.51 -11.36 -5.82
C ALA A 148 -20.55 -10.51 -6.62
N ALA A 149 -20.76 -9.19 -6.59
CA ALA A 149 -19.92 -8.25 -7.33
C ALA A 149 -18.45 -8.35 -6.91
N LEU A 150 -17.56 -8.18 -7.89
CA LEU A 150 -16.15 -7.97 -7.60
C LEU A 150 -16.00 -6.73 -6.73
N LEU A 151 -15.05 -6.78 -5.80
CA LEU A 151 -14.69 -5.60 -5.03
C LEU A 151 -13.83 -4.69 -5.89
N LEU A 152 -13.92 -3.39 -5.65
CA LEU A 152 -13.08 -2.43 -6.35
C LEU A 152 -12.47 -1.45 -5.36
N THR A 153 -11.14 -1.43 -5.32
CA THR A 153 -10.42 -0.54 -4.42
C THR A 153 -9.31 0.20 -5.17
N ALA A 154 -8.67 1.15 -4.49
CA ALA A 154 -7.54 1.86 -5.04
C ALA A 154 -6.55 2.17 -3.93
N ALA A 155 -5.26 2.02 -4.23
CA ALA A 155 -4.21 2.51 -3.35
C ALA A 155 -3.94 3.95 -3.71
N VAL A 156 -4.02 4.82 -2.72
CA VAL A 156 -3.92 6.26 -2.95
C VAL A 156 -2.89 6.90 -2.04
N SER A 157 -2.48 8.12 -2.41
CA SER A 157 -1.56 8.92 -1.62
C SER A 157 -2.11 9.19 -0.22
N ASN A 158 -1.20 9.40 0.74
CA ASN A 158 -1.56 9.68 2.12
C ASN A 158 -2.59 10.81 2.25
N SER A 159 -2.44 11.84 1.42
CA SER A 159 -3.45 12.89 1.35
C SER A 159 -4.09 12.92 -0.05
N PRO A 160 -5.33 13.43 -0.17
CA PRO A 160 -6.03 13.50 -1.45
C PRO A 160 -5.50 14.57 -2.41
N ARG A 161 -4.46 15.29 -1.99
CA ARG A 161 -3.72 16.18 -2.87
C ARG A 161 -2.31 15.60 -3.03
N VAL A 162 -1.97 15.25 -4.27
CA VAL A 162 -0.66 14.67 -4.56
C VAL A 162 -0.04 15.40 -5.74
N ASN A 163 1.23 15.79 -5.60
CA ASN A 163 1.94 16.53 -6.65
C ASN A 163 1.16 17.75 -7.14
N GLY A 164 0.48 18.43 -6.22
CA GLY A 164 -0.33 19.61 -6.55
C GLY A 164 -1.65 19.32 -7.22
N LEU A 165 -2.06 18.05 -7.26
CA LEU A 165 -3.28 17.64 -7.92
C LEU A 165 -4.27 17.02 -6.93
N ASN A 166 -5.54 17.37 -7.06
CA ASN A 166 -6.58 16.79 -6.23
C ASN A 166 -7.13 15.52 -6.88
N TYR A 167 -7.27 14.46 -6.07
CA TYR A 167 -7.99 13.26 -6.51
C TYR A 167 -9.45 13.59 -6.81
N PRO A 168 -10.10 12.79 -7.68
CA PRO A 168 -11.54 12.92 -7.89
C PRO A 168 -12.28 12.29 -6.70
N VAL A 169 -12.25 12.98 -5.57
CA VAL A 169 -12.68 12.39 -4.29
C VAL A 169 -14.13 11.92 -4.26
N GLU A 170 -15.03 12.62 -4.96
CA GLU A 170 -16.42 12.22 -5.01
C GLU A 170 -16.56 10.86 -5.70
N SER A 171 -15.83 10.69 -6.80
CA SER A 171 -15.87 9.43 -7.54
C SER A 171 -15.26 8.28 -6.73
N LEU A 172 -14.16 8.56 -6.03
CA LEU A 172 -13.54 7.54 -5.15
C LEU A 172 -14.52 7.08 -4.08
N ALA A 173 -15.14 8.05 -3.40
CA ALA A 173 -16.10 7.77 -2.33
C ALA A 173 -17.32 6.99 -2.80
N ARG A 174 -17.83 7.34 -3.98
CA ARG A 174 -19.04 6.72 -4.49
C ARG A 174 -18.83 5.33 -5.11
N ASN A 175 -17.69 5.14 -5.78
CA ASN A 175 -17.47 3.97 -6.62
C ASN A 175 -16.63 2.86 -6.03
N LEU A 176 -15.79 3.18 -5.06
CA LEU A 176 -14.88 2.21 -4.49
C LEU A 176 -15.43 1.62 -3.21
N ASP A 177 -15.14 0.34 -2.99
CA ASP A 177 -15.52 -0.31 -1.74
C ASP A 177 -14.70 0.26 -0.59
N TRP A 178 -13.43 0.53 -0.85
CA TRP A 178 -12.59 1.30 0.06
C TRP A 178 -11.35 1.84 -0.63
N ILE A 179 -10.63 2.73 0.05
CA ILE A 179 -9.32 3.18 -0.41
C ILE A 179 -8.23 2.71 0.53
N ASN A 180 -7.14 2.24 -0.06
CA ASN A 180 -5.96 1.81 0.67
C ASN A 180 -5.02 3.01 0.80
N LEU A 181 -4.97 3.58 1.99
CA LEU A 181 -4.16 4.79 2.22
C LEU A 181 -2.68 4.45 2.37
N MET A 182 -1.86 4.97 1.46
CA MET A 182 -0.43 4.71 1.51
C MET A 182 0.24 5.65 2.52
N ALA A 183 0.05 5.34 3.80
CA ALA A 183 0.55 6.14 4.91
C ALA A 183 2.00 5.75 5.22
N TYR A 184 2.84 5.92 4.21
CA TYR A 184 4.27 5.62 4.30
C TYR A 184 4.98 6.35 3.16
N ASP A 185 6.31 6.24 3.10
CA ASP A 185 7.13 6.94 2.11
C ASP A 185 7.01 8.46 2.19
N PHE A 186 6.69 8.98 3.38
CA PHE A 186 6.59 10.43 3.56
C PHE A 186 7.94 11.09 3.27
N TYR A 187 9.00 10.40 3.71
CA TYR A 187 10.38 10.83 3.55
C TYR A 187 11.19 9.59 3.18
N GLY A 188 12.28 9.80 2.44
CA GLY A 188 13.14 8.69 2.00
C GLY A 188 14.36 9.27 1.33
N PRO A 189 15.50 8.56 1.38
CA PRO A 189 16.75 9.05 0.78
C PRO A 189 16.65 9.50 -0.67
N ASN A 190 15.76 8.89 -1.46
CA ASN A 190 15.59 9.24 -2.88
C ASN A 190 14.76 10.50 -3.16
N TRP A 191 14.10 11.05 -2.14
CA TRP A 191 13.35 12.30 -2.32
C TRP A 191 13.61 13.35 -1.25
N SER A 192 14.16 12.92 -0.11
CA SER A 192 14.54 13.84 0.97
C SER A 192 15.84 13.39 1.64
N PRO A 193 16.97 13.48 0.90
CA PRO A 193 18.23 12.89 1.33
C PRO A 193 18.94 13.61 2.48
N SER A 194 18.58 14.87 2.73
CA SER A 194 19.43 15.73 3.57
C SER A 194 19.07 15.78 5.05
N GLN A 195 18.03 15.06 5.45
CA GLN A 195 17.72 14.89 6.86
C GLN A 195 16.98 13.59 7.11
N THR A 196 17.17 13.07 8.32
CA THR A 196 16.45 11.88 8.76
C THR A 196 15.00 12.25 9.05
N ASN A 197 14.11 11.28 8.93
CA ASN A 197 12.70 11.46 9.25
C ASN A 197 12.05 10.10 9.36
N SER A 198 10.96 10.03 10.12
CA SER A 198 10.10 8.84 10.14
C SER A 198 9.29 8.81 8.85
N HIS A 199 9.42 7.72 8.08
CA HIS A 199 8.76 7.67 6.77
C HIS A 199 7.26 7.37 6.86
N ALA A 200 6.78 6.98 8.03
CA ALA A 200 5.37 6.58 8.19
C ALA A 200 4.69 7.11 9.45
N GLN A 201 5.30 8.10 10.11
CA GLN A 201 4.80 8.64 11.39
C GLN A 201 3.30 8.83 11.42
N LEU A 202 2.65 8.33 12.48
CA LEU A 202 1.21 8.51 12.64
C LEU A 202 0.84 9.95 12.98
N PHE A 203 1.71 10.62 13.73
CA PHE A 203 1.52 12.04 14.08
C PHE A 203 2.73 12.86 13.68
N ASP A 204 2.50 14.16 13.44
CA ASP A 204 3.57 15.08 13.09
C ASP A 204 3.22 16.51 13.52
N PRO A 205 3.57 16.86 14.77
CA PRO A 205 3.33 18.22 15.27
C PRO A 205 4.13 19.29 14.52
N VAL A 206 5.18 18.88 13.82
CA VAL A 206 6.06 19.83 13.13
C VAL A 206 5.49 20.31 11.78
N ASN A 207 5.22 19.36 10.87
CA ASN A 207 4.82 19.71 9.50
C ASN A 207 3.46 19.13 9.09
N HIS A 208 2.83 18.40 10.00
CA HIS A 208 1.56 17.71 9.73
C HIS A 208 1.61 16.82 8.48
N VAL A 209 2.75 16.16 8.31
CA VAL A 209 2.91 15.12 7.31
C VAL A 209 2.88 13.81 8.09
N SER A 210 1.72 13.18 8.14
CA SER A 210 1.51 12.00 8.99
C SER A 210 0.30 11.20 8.54
N GLY A 211 0.20 9.97 9.01
CA GLY A 211 -0.95 9.10 8.71
C GLY A 211 -2.26 9.68 9.23
N SER A 212 -2.23 10.23 10.44
CA SER A 212 -3.44 10.83 11.02
C SER A 212 -3.88 12.07 10.24
N ASP A 213 -2.91 12.89 9.85
CA ASP A 213 -3.20 14.08 9.05
C ASP A 213 -3.71 13.71 7.66
N GLY A 214 -3.21 12.59 7.14
CA GLY A 214 -3.70 12.05 5.87
C GLY A 214 -5.14 11.59 5.96
N ILE A 215 -5.44 10.77 6.97
CA ILE A 215 -6.81 10.35 7.27
C ILE A 215 -7.74 11.55 7.38
N ASN A 216 -7.31 12.56 8.14
CA ASN A 216 -8.10 13.78 8.33
C ASN A 216 -8.37 14.52 7.02
N ALA A 217 -7.37 14.58 6.15
CA ALA A 217 -7.52 15.25 4.86
C ALA A 217 -8.53 14.51 3.96
N TRP A 218 -8.47 13.18 3.97
CA TRP A 218 -9.41 12.35 3.21
C TRP A 218 -10.84 12.50 3.74
N ILE A 219 -10.98 12.54 5.06
CA ILE A 219 -12.28 12.78 5.70
C ILE A 219 -12.82 14.18 5.38
N GLN A 220 -11.97 15.20 5.49
CA GLN A 220 -12.38 16.56 5.13
C GLN A 220 -12.78 16.69 3.66
N ALA A 221 -12.17 15.87 2.80
CA ALA A 221 -12.48 15.87 1.37
C ALA A 221 -13.82 15.18 1.06
N GLY A 222 -14.38 14.50 2.06
CA GLY A 222 -15.71 13.92 1.93
C GLY A 222 -15.77 12.41 1.77
N VAL A 223 -14.64 11.73 1.92
CA VAL A 223 -14.62 10.26 1.90
C VAL A 223 -14.97 9.76 3.31
N PRO A 224 -15.96 8.84 3.42
CA PRO A 224 -16.36 8.38 4.74
C PRO A 224 -15.28 7.57 5.45
N THR A 225 -15.23 7.68 6.77
CA THR A 225 -14.24 6.98 7.58
C THR A 225 -14.26 5.46 7.32
N LYS A 226 -15.46 4.92 7.12
CA LYS A 226 -15.65 3.48 6.91
C LYS A 226 -15.17 2.98 5.54
N LYS A 227 -14.68 3.90 4.70
CA LYS A 227 -14.07 3.52 3.43
C LYS A 227 -12.56 3.74 3.42
N LEU A 228 -11.99 3.98 4.60
CA LEU A 228 -10.54 4.17 4.72
C LEU A 228 -9.86 2.95 5.34
N VAL A 229 -8.79 2.49 4.70
CA VAL A 229 -7.95 1.41 5.23
C VAL A 229 -6.51 1.93 5.33
N LEU A 230 -5.95 1.92 6.53
CA LEU A 230 -4.62 2.51 6.77
C LEU A 230 -3.47 1.57 6.41
N GLY A 231 -2.60 2.05 5.53
CA GLY A 231 -1.39 1.31 5.17
C GLY A 231 -0.34 1.36 6.26
N ILE A 232 0.32 0.22 6.45
CA ILE A 232 1.40 0.08 7.43
C ILE A 232 2.60 -0.55 6.73
N PRO A 233 3.79 0.05 6.87
CA PRO A 233 4.95 -0.49 6.16
C PRO A 233 5.70 -1.59 6.92
N PHE A 234 6.01 -2.67 6.22
CA PHE A 234 6.90 -3.71 6.76
C PHE A 234 8.31 -3.52 6.20
N TYR A 235 8.75 -2.27 6.12
CA TYR A 235 10.04 -1.89 5.56
C TYR A 235 10.35 -0.48 6.04
N GLY A 236 11.60 -0.05 5.82
CA GLY A 236 12.01 1.31 6.13
C GLY A 236 13.15 1.77 5.24
N TYR A 237 13.76 2.89 5.60
CA TYR A 237 14.85 3.49 4.81
C TYR A 237 16.03 3.83 5.69
N ALA A 238 17.22 3.59 5.15
CA ALA A 238 18.47 3.94 5.83
C ALA A 238 19.13 5.17 5.20
N TRP A 239 19.38 6.17 6.05
CA TRP A 239 20.11 7.39 5.68
C TRP A 239 21.53 7.33 6.23
N ARG A 240 22.46 8.02 5.55
CA ARG A 240 23.78 8.26 6.10
C ARG A 240 23.77 9.57 6.89
N LEU A 241 24.10 9.50 8.17
CA LEU A 241 24.21 10.68 9.02
C LEU A 241 25.45 11.49 8.69
N VAL A 242 25.32 12.82 8.65
CA VAL A 242 26.45 13.72 8.50
C VAL A 242 27.33 13.66 9.76
N ASN A 243 26.67 13.58 10.91
CA ASN A 243 27.34 13.56 12.20
C ASN A 243 26.71 12.46 13.04
N ALA A 244 27.50 11.44 13.37
CA ALA A 244 26.99 10.28 14.13
C ALA A 244 26.43 10.67 15.50
N ASN A 245 26.87 11.81 16.03
CA ASN A 245 26.40 12.32 17.32
C ASN A 245 24.99 12.93 17.25
N ILE A 246 24.54 13.26 16.05
CA ILE A 246 23.25 13.90 15.85
C ILE A 246 22.36 12.90 15.13
N HIS A 247 21.46 12.28 15.87
CA HIS A 247 20.80 11.04 15.42
C HIS A 247 19.33 10.96 15.82
N GLY A 248 18.69 12.10 16.02
CA GLY A 248 17.25 12.14 16.24
C GLY A 248 16.51 12.30 14.92
N LEU A 249 15.24 12.69 15.02
CA LEU A 249 14.49 13.09 13.83
C LEU A 249 15.07 14.39 13.29
N ARG A 250 14.98 14.56 11.98
CA ARG A 250 15.46 15.78 11.31
C ARG A 250 16.98 16.02 11.50
N ALA A 251 17.72 14.94 11.70
CA ALA A 251 19.18 15.02 11.81
C ALA A 251 19.78 15.21 10.41
N PRO A 252 20.80 16.08 10.28
CA PRO A 252 21.45 16.28 8.97
C PRO A 252 21.96 14.96 8.39
N ALA A 253 21.66 14.75 7.11
CA ALA A 253 22.01 13.50 6.43
C ALA A 253 22.60 13.75 5.05
N ALA A 254 23.17 12.70 4.46
CA ALA A 254 23.86 12.78 3.19
C ALA A 254 23.34 11.72 2.21
N GLY A 255 22.02 11.56 2.16
CA GLY A 255 21.40 10.56 1.28
C GLY A 255 21.41 9.16 1.85
N LYS A 256 21.25 8.19 0.96
CA LYS A 256 21.12 6.78 1.34
C LYS A 256 22.36 6.20 2.01
N SER A 257 22.14 5.37 3.02
CA SER A 257 23.20 4.59 3.63
C SER A 257 23.41 3.31 2.85
N ASN A 258 24.67 2.86 2.77
CA ASN A 258 25.01 1.61 2.11
C ASN A 258 24.54 0.36 2.85
N VAL A 259 23.97 0.52 4.05
CA VAL A 259 23.36 -0.62 4.74
C VAL A 259 21.99 -0.97 4.12
N GLY A 260 21.42 0.00 3.41
CA GLY A 260 20.16 -0.18 2.71
C GLY A 260 20.37 -0.55 1.25
N ALA A 261 19.26 -0.77 0.53
CA ALA A 261 19.30 -1.13 -0.88
C ALA A 261 20.10 -0.11 -1.69
N VAL A 262 20.83 -0.60 -2.68
CA VAL A 262 21.67 0.26 -3.52
C VAL A 262 20.88 1.41 -4.16
N ASP A 263 19.67 1.12 -4.65
CA ASP A 263 18.90 2.12 -5.38
C ASP A 263 18.23 3.21 -4.54
N ASP A 264 17.65 2.84 -3.40
CA ASP A 264 16.83 3.77 -2.63
C ASP A 264 17.04 3.76 -1.10
N GLY A 265 18.00 2.97 -0.63
CA GLY A 265 18.26 2.84 0.80
C GLY A 265 17.22 2.05 1.57
N SER A 266 16.27 1.42 0.87
CA SER A 266 15.21 0.66 1.53
C SER A 266 15.72 -0.65 2.15
N MET A 267 15.03 -1.09 3.21
CA MET A 267 15.33 -2.36 3.87
C MET A 267 14.02 -2.92 4.40
N THR A 268 13.79 -4.22 4.21
CA THR A 268 12.63 -4.85 4.83
C THR A 268 12.76 -4.79 6.35
N TYR A 269 11.63 -4.86 7.04
CA TYR A 269 11.62 -4.92 8.50
C TYR A 269 12.48 -6.09 9.00
N ASN A 270 12.36 -7.24 8.36
CA ASN A 270 13.19 -8.40 8.73
C ASN A 270 14.69 -8.09 8.65
N ARG A 271 15.11 -7.44 7.56
CA ARG A 271 16.50 -7.03 7.38
C ARG A 271 16.94 -6.03 8.45
N ILE A 272 16.04 -5.12 8.82
CA ILE A 272 16.34 -4.12 9.84
C ILE A 272 16.54 -4.78 11.20
N ARG A 273 15.66 -5.72 11.53
CA ARG A 273 15.75 -6.46 12.79
C ARG A 273 17.09 -7.19 12.88
N ASP A 274 17.50 -7.83 11.79
CA ASP A 274 18.80 -8.51 11.73
C ASP A 274 19.94 -7.51 11.90
N TYR A 275 19.81 -6.35 11.28
CA TYR A 275 20.82 -5.29 11.37
C TYR A 275 20.96 -4.79 12.81
N ILE A 276 19.82 -4.60 13.49
CA ILE A 276 19.83 -4.14 14.88
C ILE A 276 20.63 -5.10 15.77
N VAL A 277 20.38 -6.40 15.59
CA VAL A 277 21.08 -7.45 16.31
C VAL A 277 22.59 -7.43 15.99
N GLU A 278 22.93 -7.41 14.71
CA GLU A 278 24.32 -7.53 14.29
C GLU A 278 25.19 -6.32 14.62
N SER A 279 24.59 -5.13 14.55
CA SER A 279 25.33 -3.88 14.77
C SER A 279 25.23 -3.35 16.20
N ARG A 280 24.42 -4.00 17.03
CA ARG A 280 24.06 -3.49 18.36
C ARG A 280 23.52 -2.06 18.27
N ALA A 281 22.69 -1.82 17.26
CA ALA A 281 22.14 -0.49 17.04
C ALA A 281 21.27 -0.09 18.20
N THR A 282 21.27 1.21 18.50
CA THR A 282 20.36 1.77 19.49
C THR A 282 19.01 1.98 18.85
N THR A 283 17.95 1.53 19.51
CA THR A 283 16.59 1.66 18.98
C THR A 283 15.80 2.69 19.77
N VAL A 284 14.91 3.40 19.08
CA VAL A 284 14.06 4.41 19.69
C VAL A 284 12.63 4.21 19.22
N TYR A 285 11.71 4.10 20.19
CA TYR A 285 10.31 4.30 19.88
C TYR A 285 9.97 5.72 20.26
N ASN A 286 9.55 6.51 19.28
CA ASN A 286 9.16 7.90 19.54
C ASN A 286 7.65 7.97 19.73
N ALA A 287 7.24 8.24 20.97
CA ALA A 287 5.84 8.21 21.36
C ALA A 287 5.03 9.41 20.84
N THR A 288 5.71 10.50 20.49
CA THR A 288 5.07 11.68 19.95
C THR A 288 4.58 11.42 18.52
N ILE A 289 5.44 10.83 17.70
CA ILE A 289 5.11 10.59 16.29
C ILE A 289 4.48 9.22 16.03
N VAL A 290 4.68 8.29 16.98
CA VAL A 290 4.32 6.87 16.80
C VAL A 290 5.10 6.29 15.61
N GLY A 291 6.38 6.07 15.85
CA GLY A 291 7.29 5.53 14.84
C GLY A 291 8.58 5.12 15.50
N ASP A 292 9.31 4.23 14.83
CA ASP A 292 10.58 3.75 15.33
C ASP A 292 11.74 4.19 14.45
N TYR A 293 12.92 4.27 15.05
CA TYR A 293 14.15 4.37 14.29
C TYR A 293 15.29 3.74 15.05
N CYS A 294 16.37 3.44 14.35
CA CYS A 294 17.57 2.95 15.00
C CYS A 294 18.79 3.60 14.38
N TYR A 295 19.88 3.59 15.14
CA TYR A 295 21.13 4.17 14.66
C TYR A 295 22.35 3.41 15.15
N SER A 296 23.35 3.33 14.29
CA SER A 296 24.64 2.75 14.65
C SER A 296 25.67 3.43 13.78
N GLY A 297 26.68 4.02 14.41
CA GLY A 297 27.65 4.85 13.69
C GLY A 297 26.93 5.91 12.87
N SER A 298 27.27 6.00 11.60
CA SER A 298 26.65 7.01 10.72
C SER A 298 25.42 6.48 9.97
N ASN A 299 24.85 5.38 10.46
CA ASN A 299 23.67 4.79 9.85
C ASN A 299 22.41 5.00 10.69
N TRP A 300 21.34 5.46 10.04
CA TRP A 300 20.09 5.80 10.71
C TRP A 300 18.92 5.25 9.89
N ILE A 301 18.04 4.49 10.54
CA ILE A 301 16.98 3.78 9.81
C ILE A 301 15.62 4.05 10.44
N SER A 302 14.65 4.44 9.61
CA SER A 302 13.25 4.63 10.01
C SER A 302 12.41 3.42 9.60
N TYR A 303 11.54 2.96 10.51
CA TYR A 303 10.71 1.76 10.28
C TYR A 303 9.60 1.70 11.34
N ASP A 304 8.68 0.75 11.16
CA ASP A 304 7.64 0.46 12.16
C ASP A 304 7.94 -0.86 12.87
N ASP A 305 8.04 -0.80 14.20
CA ASP A 305 8.21 -2.02 15.00
C ASP A 305 6.92 -2.32 15.78
N THR A 306 6.96 -3.31 16.66
CA THR A 306 5.77 -3.83 17.33
C THR A 306 4.88 -2.76 17.99
N GLN A 307 5.48 -1.90 18.80
CA GLN A 307 4.73 -0.88 19.52
C GLN A 307 4.03 0.09 18.55
N THR A 308 4.74 0.48 17.49
CA THR A 308 4.16 1.36 16.47
C THR A 308 2.96 0.69 15.76
N VAL A 309 3.15 -0.57 15.37
CA VAL A 309 2.08 -1.31 14.69
C VAL A 309 0.88 -1.47 15.61
N ARG A 310 1.12 -1.87 16.85
CA ARG A 310 0.04 -1.97 17.84
C ARG A 310 -0.70 -0.65 18.00
N ASN A 311 0.05 0.43 18.19
CA ASN A 311 -0.58 1.74 18.43
C ASN A 311 -1.35 2.27 17.21
N LYS A 312 -0.81 2.05 16.02
CA LYS A 312 -1.50 2.45 14.79
C LYS A 312 -2.82 1.71 14.61
N VAL A 313 -2.79 0.40 14.83
CA VAL A 313 -3.98 -0.43 14.68
C VAL A 313 -5.07 -0.05 15.70
N ASN A 314 -4.67 0.12 16.97
CA ASN A 314 -5.61 0.62 17.98
C ASN A 314 -6.18 1.98 17.62
N TYR A 315 -5.32 2.86 17.09
CA TYR A 315 -5.75 4.20 16.71
C TYR A 315 -6.83 4.19 15.63
N VAL A 316 -6.58 3.47 14.54
CA VAL A 316 -7.56 3.43 13.44
C VAL A 316 -8.82 2.65 13.78
N LYS A 317 -8.68 1.60 14.61
CA LYS A 317 -9.86 0.88 15.10
C LYS A 317 -10.75 1.81 15.91
N GLY A 318 -10.13 2.55 16.84
CA GLY A 318 -10.84 3.50 17.69
C GLY A 318 -11.53 4.60 16.92
N ARG A 319 -10.93 4.97 15.79
CA ARG A 319 -11.46 6.04 14.94
C ARG A 319 -12.56 5.58 13.97
N GLY A 320 -12.80 4.29 13.91
CA GLY A 320 -13.86 3.74 13.07
C GLY A 320 -13.48 3.56 11.61
N LEU A 321 -12.18 3.48 11.33
CA LEU A 321 -11.73 3.11 9.98
C LEU A 321 -12.10 1.66 9.69
N LEU A 322 -12.09 1.31 8.41
CA LEU A 322 -12.46 -0.04 7.97
C LEU A 322 -11.42 -1.10 8.33
N GLY A 323 -10.15 -0.71 8.36
CA GLY A 323 -9.08 -1.61 8.77
C GLY A 323 -7.70 -1.09 8.43
N TYR A 324 -6.79 -2.02 8.20
CA TYR A 324 -5.41 -1.68 7.87
C TYR A 324 -4.93 -2.62 6.78
N PHE A 325 -3.80 -2.27 6.16
CA PHE A 325 -3.12 -3.20 5.27
C PHE A 325 -1.62 -3.06 5.42
N ALA A 326 -0.90 -4.10 5.04
CA ALA A 326 0.56 -4.07 5.10
C ALA A 326 1.21 -4.10 3.71
N TRP A 327 2.15 -3.19 3.47
CA TRP A 327 3.08 -3.32 2.36
C TRP A 327 4.47 -3.62 2.92
N HIS A 328 5.03 -4.81 2.68
CA HIS A 328 4.40 -5.93 2.01
C HIS A 328 4.68 -7.15 2.89
N VAL A 329 3.94 -8.24 2.69
CA VAL A 329 3.97 -9.36 3.65
C VAL A 329 5.35 -10.01 3.84
N ALA A 330 6.15 -10.11 2.78
CA ALA A 330 7.48 -10.71 2.84
C ALA A 330 8.45 -9.94 3.75
N GLY A 331 8.14 -8.66 3.99
CA GLY A 331 8.98 -7.81 4.81
C GLY A 331 8.95 -8.11 6.30
N ASP A 332 7.92 -8.85 6.73
CA ASP A 332 7.73 -9.17 8.14
C ASP A 332 8.81 -10.14 8.64
N GLN A 333 9.01 -10.17 9.95
CA GLN A 333 9.94 -11.12 10.58
C GLN A 333 9.13 -12.21 11.26
N ASN A 334 9.13 -13.41 10.68
CA ASN A 334 8.36 -14.56 11.19
C ASN A 334 6.90 -14.20 11.55
N TRP A 335 6.26 -13.43 10.68
CA TRP A 335 4.86 -13.01 10.84
C TRP A 335 4.58 -12.20 12.10
N GLY A 336 5.64 -11.64 12.69
CA GLY A 336 5.54 -10.90 13.96
C GLY A 336 4.63 -9.70 13.91
N LEU A 337 4.87 -8.81 12.95
CA LEU A 337 4.06 -7.60 12.82
C LEU A 337 2.65 -7.93 12.34
N SER A 338 2.54 -8.92 11.46
CA SER A 338 1.25 -9.36 10.93
C SER A 338 0.34 -9.88 12.03
N ARG A 339 0.92 -10.67 12.94
CA ARG A 339 0.17 -11.21 14.08
C ARG A 339 -0.15 -10.11 15.09
N THR A 340 0.80 -9.21 15.34
CA THR A 340 0.55 -8.06 16.21
C THR A 340 -0.64 -7.26 15.69
N ALA A 341 -0.63 -6.93 14.40
CA ALA A 341 -1.70 -6.15 13.80
C ALA A 341 -3.07 -6.86 13.90
N SER A 342 -3.10 -8.14 13.53
CA SER A 342 -4.35 -8.90 13.54
C SER A 342 -4.95 -9.04 14.93
N GLN A 343 -4.11 -9.44 15.88
CA GLN A 343 -4.57 -9.67 17.25
C GLN A 343 -4.91 -8.37 17.99
N THR A 344 -4.20 -7.30 17.65
CA THR A 344 -4.54 -5.98 18.20
C THR A 344 -5.94 -5.56 17.72
N TRP A 345 -6.20 -5.70 16.42
CA TRP A 345 -7.53 -5.41 15.90
C TRP A 345 -8.57 -6.31 16.57
N GLY A 346 -8.30 -7.61 16.57
CA GLY A 346 -9.21 -8.60 17.12
C GLY A 346 -10.27 -9.03 16.13
N VAL A 347 -11.51 -9.14 16.63
CA VAL A 347 -12.62 -9.62 15.82
C VAL A 347 -12.79 -8.73 14.57
N SER A 348 -12.92 -9.36 13.42
CA SER A 348 -12.82 -8.67 12.13
C SER A 348 -14.16 -8.33 11.49
N PHE A 349 -15.20 -8.20 12.31
CA PHE A 349 -16.52 -7.74 11.85
C PHE A 349 -17.29 -7.04 12.95
#